data_3AAF
#
_entry.id   3AAF
#
_cell.length_a   84.077
_cell.length_b   84.077
_cell.length_c   145.291
_cell.angle_alpha   90.00
_cell.angle_beta   90.00
_cell.angle_gamma   90.00
#
_symmetry.space_group_name_H-M   'P 43 2 2'
#
loop_
_entity.id
_entity.type
_entity.pdbx_description
1 polymer 'Werner syndrome ATP-dependent helicase'
2 polymer "DNA (5'-D(*AP*CP*CP*CP*TP*AP*AP*TP*TP*AP*GP*GP*GP*T)-3')"
3 non-polymer 'ACETATE ION'
4 water water
#
loop_
_entity_poly.entity_id
_entity_poly.type
_entity_poly.pdbx_seq_one_letter_code
_entity_poly.pdbx_strand_id
1 'polypeptide(L)'
;GIRMDDSEDTSWDFGPQAFKLLSAVDILGEKFGIGLPILFLRGSNSQRLADQYRRHSLFGTGKDQTESWWKAFSRQLITE
GFLVEVSRYNKFMKICALTKKGRNWLHKANTESQSLILQANEELCPKKFLLPSS
;
A,B
2 'polydeoxyribonucleotide' (DA)(DC)(DC)(DC)(DT)(DA)(DA)(DT)(DT)(DA)(DG)(DG)(DG)(DT) C,D
#
# COMPACT_ATOMS: atom_id res chain seq x y z
N SER A 11 23.61 -19.93 13.74
CA SER A 11 22.64 -21.01 13.42
C SER A 11 21.42 -21.04 14.34
N TRP A 12 20.24 -21.20 13.74
CA TRP A 12 18.99 -21.26 14.48
C TRP A 12 18.08 -22.37 13.92
N ASP A 13 17.31 -23.00 14.80
CA ASP A 13 16.38 -24.05 14.41
C ASP A 13 15.01 -23.45 14.09
N PHE A 14 14.66 -23.46 12.80
CA PHE A 14 13.39 -22.90 12.34
C PHE A 14 12.33 -23.96 12.08
N GLY A 15 12.50 -25.14 12.68
CA GLY A 15 11.56 -26.26 12.52
C GLY A 15 10.09 -25.94 12.75
N PRO A 16 9.76 -25.24 13.86
CA PRO A 16 8.35 -24.90 14.08
C PRO A 16 7.74 -24.04 12.96
N GLN A 17 8.51 -23.07 12.46
CA GLN A 17 8.06 -22.20 11.37
C GLN A 17 8.00 -22.95 10.05
N ALA A 18 8.99 -23.81 9.81
CA ALA A 18 8.99 -24.68 8.62
C ALA A 18 7.80 -25.61 8.62
N PHE A 19 7.44 -26.15 9.78
CA PHE A 19 6.26 -27.00 9.85
C PHE A 19 5.02 -26.24 9.36
N LYS A 20 4.82 -25.02 9.85
CA LYS A 20 3.68 -24.22 9.44
C LYS A 20 3.68 -23.94 7.94
N LEU A 21 4.82 -23.48 7.42
CA LEU A 21 4.86 -23.04 6.03
C LEU A 21 4.79 -24.23 5.07
N LEU A 22 5.56 -25.29 5.33
CA LEU A 22 5.49 -26.46 4.44
C LEU A 22 4.11 -27.12 4.53
N SER A 23 3.52 -27.15 5.73
CA SER A 23 2.15 -27.64 5.90
C SER A 23 1.19 -26.81 5.05
N ALA A 24 1.36 -25.48 5.10
CA ALA A 24 0.47 -24.57 4.37
C ALA A 24 0.53 -24.79 2.87
N VAL A 25 1.74 -24.93 2.33
CA VAL A 25 1.93 -25.28 0.92
C VAL A 25 1.17 -26.55 0.54
N ASP A 26 1.29 -27.59 1.36
CA ASP A 26 0.62 -28.87 1.08
C ASP A 26 -0.90 -28.73 1.17
N ILE A 27 -1.35 -28.01 2.21
CA ILE A 27 -2.79 -27.85 2.46
C ILE A 27 -3.48 -27.18 1.28
N LEU A 28 -2.82 -26.18 0.69
CA LEU A 28 -3.38 -25.46 -0.46
C LEU A 28 -3.16 -26.17 -1.81
N GLY A 29 -2.55 -27.35 -1.73
CA GLY A 29 -2.43 -28.24 -2.89
C GLY A 29 -1.40 -27.83 -3.93
N GLU A 30 -0.42 -27.00 -3.54
CA GLU A 30 0.66 -26.57 -4.44
C GLU A 30 0.10 -25.94 -5.72
N LYS A 31 -1.04 -25.27 -5.55
CA LYS A 31 -1.76 -24.71 -6.68
C LYS A 31 -1.43 -23.24 -6.85
N PHE A 32 -0.64 -22.69 -5.92
CA PHE A 32 -0.34 -21.28 -5.89
C PHE A 32 1.14 -21.05 -5.65
N GLY A 33 1.55 -19.79 -5.77
CA GLY A 33 2.85 -19.35 -5.29
C GLY A 33 2.79 -19.33 -3.77
N ILE A 34 3.82 -18.77 -3.15
CA ILE A 34 3.93 -18.79 -1.68
C ILE A 34 2.99 -17.79 -0.98
N GLY A 35 2.43 -16.86 -1.74
CA GLY A 35 1.56 -15.81 -1.20
C GLY A 35 0.33 -16.36 -0.51
N LEU A 36 -0.32 -17.34 -1.12
CA LEU A 36 -1.52 -17.91 -0.53
C LEU A 36 -1.22 -18.69 0.75
N PRO A 37 -0.23 -19.61 0.72
CA PRO A 37 0.19 -20.18 2.01
C PRO A 37 0.43 -19.16 3.14
N ILE A 38 1.03 -18.00 2.83
CA ILE A 38 1.29 -16.98 3.85
C ILE A 38 0.01 -16.29 4.33
N LEU A 39 -0.87 -15.94 3.39
CA LEU A 39 -2.18 -15.38 3.73
C LEU A 39 -2.93 -16.30 4.69
N PHE A 40 -2.91 -17.58 4.37
CA PHE A 40 -3.46 -18.64 5.23
C PHE A 40 -2.86 -18.62 6.64
N LEU A 41 -1.53 -18.62 6.74
CA LEU A 41 -0.86 -18.65 8.04
C LEU A 41 -1.10 -17.38 8.83
N ARG A 42 -1.21 -16.26 8.13
CA ARG A 42 -1.38 -14.98 8.83
C ARG A 42 -2.85 -14.66 9.15
N GLY A 43 -3.76 -15.56 8.80
CA GLY A 43 -5.17 -15.41 9.16
C GLY A 43 -5.90 -14.38 8.33
N SER A 44 -5.58 -14.32 7.04
CA SER A 44 -6.15 -13.34 6.12
C SER A 44 -7.64 -13.52 5.86
N ASN A 45 -8.34 -12.39 5.69
CA ASN A 45 -9.72 -12.41 5.23
C ASN A 45 -9.85 -12.29 3.71
N SER A 46 -8.73 -12.45 3.02
CA SER A 46 -8.66 -12.26 1.56
C SER A 46 -9.62 -13.13 0.77
N GLN A 47 -10.20 -12.53 -0.27
CA GLN A 47 -11.03 -13.22 -1.26
C GLN A 47 -10.26 -14.34 -1.94
N ARG A 48 -8.93 -14.18 -2.05
CA ARG A 48 -8.06 -15.12 -2.74
C ARG A 48 -8.07 -16.49 -2.07
N LEU A 49 -8.32 -16.48 -0.76
CA LEU A 49 -8.31 -17.70 0.05
C LEU A 49 -9.72 -18.20 0.33
N ALA A 50 -10.00 -19.43 -0.10
CA ALA A 50 -11.32 -20.05 0.08
C ALA A 50 -11.65 -20.26 1.55
N ASP A 51 -12.92 -20.09 1.89
CA ASP A 51 -13.39 -20.20 3.28
C ASP A 51 -13.15 -21.54 3.93
N GLN A 52 -13.12 -22.61 3.14
CA GLN A 52 -12.91 -23.95 3.69
C GLN A 52 -11.61 -24.02 4.49
N TYR A 53 -10.61 -23.24 4.07
CA TYR A 53 -9.30 -23.22 4.72
C TYR A 53 -9.28 -22.51 6.07
N ARG A 54 -10.24 -21.63 6.29
CA ARG A 54 -10.35 -20.88 7.54
C ARG A 54 -10.79 -21.79 8.69
N ARG A 55 -11.22 -23.00 8.34
CA ARG A 55 -11.59 -24.02 9.32
C ARG A 55 -10.41 -24.89 9.74
N HIS A 56 -9.29 -24.78 9.02
CA HIS A 56 -8.10 -25.55 9.35
C HIS A 56 -7.43 -25.03 10.63
N SER A 57 -6.88 -25.96 11.42
CA SER A 57 -6.25 -25.62 12.70
C SER A 57 -5.03 -24.71 12.55
N LEU A 58 -4.34 -24.79 11.43
CA LEU A 58 -3.17 -23.95 11.19
C LEU A 58 -3.48 -22.51 10.71
N PHE A 59 -4.74 -22.25 10.38
CA PHE A 59 -5.16 -20.92 9.91
C PHE A 59 -4.91 -19.87 10.98
N GLY A 60 -4.15 -18.84 10.64
CA GLY A 60 -3.88 -17.74 11.56
C GLY A 60 -2.81 -17.99 12.61
N THR A 61 -2.13 -19.14 12.51
CA THR A 61 -1.14 -19.53 13.52
C THR A 61 0.26 -18.96 13.25
N GLY A 62 0.42 -18.29 12.11
CA GLY A 62 1.67 -17.63 11.77
C GLY A 62 1.61 -16.13 11.88
N LYS A 63 0.57 -15.62 12.56
CA LYS A 63 0.32 -14.19 12.75
C LYS A 63 1.47 -13.42 13.40
N ASP A 64 2.27 -14.10 14.23
CA ASP A 64 3.34 -13.42 14.96
C ASP A 64 4.60 -13.14 14.15
N GLN A 65 4.58 -13.50 12.87
CA GLN A 65 5.63 -13.11 11.92
C GLN A 65 4.99 -12.37 10.75
N THR A 66 5.70 -11.36 10.24
CA THR A 66 5.17 -10.51 9.17
C THR A 66 5.16 -11.26 7.86
N GLU A 67 4.35 -10.80 6.92
CA GLU A 67 4.33 -11.36 5.57
C GLU A 67 5.73 -11.30 4.96
N SER A 68 6.43 -10.18 5.19
CA SER A 68 7.81 -10.00 4.74
C SER A 68 8.75 -11.08 5.27
N TRP A 69 8.61 -11.39 6.56
CA TRP A 69 9.42 -12.43 7.18
C TRP A 69 9.21 -13.78 6.52
N TRP A 70 7.93 -14.17 6.41
CA TRP A 70 7.55 -15.44 5.79
C TRP A 70 8.08 -15.57 4.36
N LYS A 71 8.02 -14.47 3.61
CA LYS A 71 8.56 -14.44 2.25
C LYS A 71 10.07 -14.66 2.26
N ALA A 72 10.79 -13.91 3.09
CA ALA A 72 12.23 -14.12 3.29
C ALA A 72 12.54 -15.58 3.70
N PHE A 73 11.71 -16.11 4.60
CA PHE A 73 11.87 -17.47 5.09
C PHE A 73 11.69 -18.48 3.95
N SER A 74 10.65 -18.29 3.14
CA SER A 74 10.39 -19.15 2.00
C SER A 74 11.57 -19.17 1.02
N ARG A 75 12.23 -18.02 0.87
CA ARG A 75 13.41 -17.91 0.01
C ARG A 75 14.55 -18.81 0.47
N GLN A 76 14.82 -18.79 1.78
CA GLN A 76 15.79 -19.70 2.40
C GLN A 76 15.46 -21.18 2.18
N LEU A 77 14.18 -21.52 2.33
CA LEU A 77 13.72 -22.91 2.15
C LEU A 77 13.84 -23.39 0.69
N ILE A 78 13.68 -22.47 -0.25
CA ILE A 78 13.97 -22.76 -1.65
C ILE A 78 15.46 -23.04 -1.84
N THR A 79 16.29 -22.12 -1.35
CA THR A 79 17.74 -22.27 -1.45
C THR A 79 18.23 -23.58 -0.83
N GLU A 80 17.65 -23.97 0.30
CA GLU A 80 18.04 -25.20 1.01
C GLU A 80 17.35 -26.45 0.47
N GLY A 81 16.47 -26.29 -0.50
CA GLY A 81 15.91 -27.42 -1.23
C GLY A 81 14.68 -28.09 -0.65
N PHE A 82 13.93 -27.37 0.19
CA PHE A 82 12.68 -27.88 0.76
C PHE A 82 11.46 -27.51 -0.08
N LEU A 83 11.61 -26.40 -0.82
CA LEU A 83 10.59 -25.85 -1.72
C LEU A 83 11.22 -25.58 -3.08
N VAL A 84 10.39 -25.60 -4.13
CA VAL A 84 10.81 -25.24 -5.49
C VAL A 84 9.72 -24.44 -6.16
N GLU A 85 10.11 -23.53 -7.04
CA GLU A 85 9.16 -22.84 -7.89
C GLU A 85 9.08 -23.56 -9.22
N VAL A 86 7.86 -23.70 -9.76
CA VAL A 86 7.64 -24.52 -10.95
C VAL A 86 6.74 -23.73 -11.90
N SER A 87 7.17 -23.53 -13.14
CA SER A 87 6.31 -22.89 -14.13
C SER A 87 5.11 -23.81 -14.33
N ARG A 88 3.90 -23.24 -14.41
CA ARG A 88 2.68 -24.04 -14.64
C ARG A 88 1.56 -23.19 -15.23
N TYR A 89 0.63 -23.82 -15.93
CA TYR A 89 -0.58 -23.18 -16.47
C TYR A 89 -0.35 -22.36 -17.72
N ASN A 90 0.29 -21.22 -17.56
CA ASN A 90 0.52 -20.33 -18.69
C ASN A 90 1.79 -19.52 -18.45
N LYS A 91 2.17 -18.70 -19.43
CA LYS A 91 3.48 -18.04 -19.39
C LYS A 91 3.68 -17.12 -18.18
N PHE A 92 2.58 -16.64 -17.59
CA PHE A 92 2.68 -15.75 -16.42
C PHE A 92 2.91 -16.42 -15.07
N MET A 93 2.51 -17.70 -14.96
CA MET A 93 2.35 -18.34 -13.66
C MET A 93 3.49 -19.24 -13.18
N LYS A 94 3.72 -19.23 -11.88
CA LYS A 94 4.57 -20.23 -11.27
C LYS A 94 3.92 -20.64 -9.96
N ILE A 95 4.14 -21.88 -9.54
CA ILE A 95 3.62 -22.29 -8.26
C ILE A 95 4.80 -22.62 -7.38
N CYS A 96 4.55 -22.67 -6.07
CA CYS A 96 5.59 -23.07 -5.13
C CYS A 96 5.18 -24.43 -4.57
N ALA A 97 6.03 -25.42 -4.79
CA ALA A 97 5.78 -26.81 -4.40
C ALA A 97 6.79 -27.33 -3.38
N LEU A 98 6.39 -28.38 -2.65
CA LEU A 98 7.34 -29.15 -1.86
C LEU A 98 8.25 -29.98 -2.75
N THR A 99 9.55 -29.97 -2.47
CA THR A 99 10.47 -30.92 -3.10
C THR A 99 10.28 -32.28 -2.46
N LYS A 100 10.96 -33.32 -2.98
CA LYS A 100 10.91 -34.63 -2.32
C LYS A 100 11.47 -34.49 -0.91
N LYS A 101 12.53 -33.69 -0.78
CA LYS A 101 13.12 -33.45 0.53
C LYS A 101 12.14 -32.79 1.49
N GLY A 102 11.43 -31.77 0.98
CA GLY A 102 10.47 -31.03 1.80
C GLY A 102 9.34 -31.93 2.25
N ARG A 103 8.88 -32.80 1.35
CA ARG A 103 7.79 -33.70 1.69
C ARG A 103 8.22 -34.79 2.68
N ASN A 104 9.42 -35.32 2.53
CA ASN A 104 9.95 -36.30 3.48
C ASN A 104 10.08 -35.68 4.87
N TRP A 105 10.52 -34.42 4.90
CA TRP A 105 10.70 -33.70 6.16
C TRP A 105 9.33 -33.51 6.84
N LEU A 106 8.36 -33.02 6.07
CA LEU A 106 7.01 -32.80 6.60
C LEU A 106 6.34 -34.10 7.06
N HIS A 107 6.56 -35.19 6.33
CA HIS A 107 6.03 -36.50 6.68
C HIS A 107 6.51 -36.93 8.08
N LYS A 108 7.79 -36.70 8.35
CA LYS A 108 8.33 -36.95 9.69
C LYS A 108 7.84 -35.93 10.71
N ALA A 109 7.77 -34.67 10.32
CA ALA A 109 7.30 -33.59 11.20
C ALA A 109 5.87 -33.78 11.68
N ASN A 110 5.07 -34.49 10.88
CA ASN A 110 3.67 -34.78 11.23
C ASN A 110 3.50 -35.69 12.43
N THR A 111 4.52 -36.50 12.76
CA THR A 111 4.43 -37.36 13.95
C THR A 111 5.30 -36.95 15.15
N GLU A 112 6.43 -36.29 14.89
CA GLU A 112 7.23 -35.68 15.97
C GLU A 112 8.03 -34.49 15.43
N SER A 113 8.23 -33.49 16.28
CA SER A 113 8.92 -32.26 15.88
C SER A 113 10.25 -32.58 15.23
N GLN A 114 10.55 -31.85 14.16
CA GLN A 114 11.81 -31.96 13.45
C GLN A 114 12.53 -30.63 13.53
N SER A 115 13.85 -30.67 13.58
CA SER A 115 14.64 -29.47 13.44
C SER A 115 14.79 -29.12 11.96
N LEU A 116 14.93 -27.83 11.68
CA LEU A 116 15.39 -27.37 10.39
C LEU A 116 16.34 -26.21 10.64
N ILE A 117 17.64 -26.51 10.72
CA ILE A 117 18.66 -25.53 11.08
C ILE A 117 19.02 -24.67 9.87
N LEU A 118 19.03 -23.36 10.07
CA LEU A 118 19.39 -22.41 9.02
C LEU A 118 20.60 -21.57 9.39
N GLN A 119 21.44 -21.28 8.39
CA GLN A 119 22.76 -20.64 8.51
C GLN A 119 23.50 -20.89 9.83
N SER B 11 14.89 27.38 -12.50
CA SER B 11 13.56 28.03 -12.28
C SER B 11 12.51 27.62 -13.30
N TRP B 12 11.27 27.43 -12.83
CA TRP B 12 10.15 26.99 -13.66
C TRP B 12 8.84 27.62 -13.19
N ASP B 13 7.97 27.96 -14.14
CA ASP B 13 6.69 28.58 -13.82
C ASP B 13 5.66 27.50 -13.54
N PHE B 14 5.28 27.36 -12.27
CA PHE B 14 4.29 26.36 -11.87
C PHE B 14 2.89 26.94 -11.71
N GLY B 15 2.66 28.11 -12.31
CA GLY B 15 1.37 28.80 -12.19
C GLY B 15 0.13 27.97 -12.49
N PRO B 16 0.12 27.23 -13.62
CA PRO B 16 -1.00 26.35 -13.99
C PRO B 16 -1.33 25.29 -12.92
N GLN B 17 -0.29 24.66 -12.35
CA GLN B 17 -0.48 23.67 -11.28
C GLN B 17 -0.87 24.33 -9.96
N ALA B 18 -0.28 25.48 -9.67
CA ALA B 18 -0.65 26.26 -8.48
C ALA B 18 -2.12 26.68 -8.57
N PHE B 19 -2.58 27.08 -9.76
CA PHE B 19 -3.99 27.40 -9.90
C PHE B 19 -4.90 26.24 -9.49
N LYS B 20 -4.58 25.03 -9.96
CA LYS B 20 -5.40 23.88 -9.63
C LYS B 20 -5.40 23.62 -8.13
N LEU B 21 -4.21 23.62 -7.53
CA LEU B 21 -4.08 23.21 -6.12
C LEU B 21 -4.67 24.27 -5.19
N LEU B 22 -4.30 25.54 -5.40
CA LEU B 22 -4.85 26.61 -4.56
C LEU B 22 -6.37 26.73 -4.75
N SER B 23 -6.86 26.54 -5.97
CA SER B 23 -8.32 26.50 -6.18
C SER B 23 -8.96 25.34 -5.41
N ALA B 24 -8.33 24.15 -5.45
CA ALA B 24 -8.87 22.98 -4.75
C ALA B 24 -8.98 23.22 -3.24
N VAL B 25 -7.95 23.83 -2.66
CA VAL B 25 -7.94 24.20 -1.24
C VAL B 25 -9.10 25.16 -0.93
N ASP B 26 -9.26 26.19 -1.76
CA ASP B 26 -10.39 27.14 -1.65
C ASP B 26 -11.74 26.42 -1.72
N ILE B 27 -11.92 25.61 -2.75
CA ILE B 27 -13.20 24.93 -3.03
C ILE B 27 -13.65 24.02 -1.89
N LEU B 28 -12.70 23.32 -1.28
CA LEU B 28 -13.00 22.36 -0.23
C LEU B 28 -13.17 23.04 1.14
N GLY B 29 -12.97 24.35 1.18
CA GLY B 29 -13.31 25.16 2.38
C GLY B 29 -12.33 25.18 3.54
N GLU B 30 -11.10 24.69 3.29
CA GLU B 30 -10.02 24.69 4.30
C GLU B 30 -10.42 24.04 5.61
N LYS B 31 -11.14 22.91 5.49
CA LYS B 31 -11.62 22.13 6.61
C LYS B 31 -10.84 20.82 6.73
N PHE B 32 -10.01 20.55 5.73
CA PHE B 32 -9.22 19.33 5.63
C PHE B 32 -7.77 19.68 5.41
N GLY B 33 -6.91 18.67 5.57
CA GLY B 33 -5.52 18.79 5.20
C GLY B 33 -5.39 18.75 3.69
N ILE B 34 -4.17 18.84 3.20
CA ILE B 34 -3.92 19.00 1.77
C ILE B 34 -4.27 17.74 0.95
N GLY B 35 -4.36 16.60 1.63
CA GLY B 35 -4.67 15.33 1.00
C GLY B 35 -6.00 15.32 0.28
N LEU B 36 -6.97 16.03 0.84
CA LEU B 36 -8.28 16.10 0.21
C LEU B 36 -8.33 16.91 -1.08
N PRO B 37 -7.80 18.15 -1.08
CA PRO B 37 -7.59 18.83 -2.37
C PRO B 37 -6.87 17.97 -3.41
N ILE B 38 -5.87 17.20 -2.99
CA ILE B 38 -5.16 16.31 -3.92
C ILE B 38 -6.06 15.18 -4.46
N LEU B 39 -6.81 14.50 -3.58
CA LEU B 39 -7.79 13.50 -4.02
C LEU B 39 -8.77 14.09 -5.05
N PHE B 40 -9.25 15.29 -4.76
CA PHE B 40 -10.13 16.06 -5.62
C PHE B 40 -9.55 16.26 -7.03
N LEU B 41 -8.33 16.80 -7.10
CA LEU B 41 -7.63 17.00 -8.38
C LEU B 41 -7.32 15.71 -9.11
N ARG B 42 -7.02 14.65 -8.36
CA ARG B 42 -6.66 13.39 -8.99
C ARG B 42 -7.86 12.54 -9.39
N GLY B 43 -9.06 13.08 -9.17
CA GLY B 43 -10.30 12.43 -9.59
C GLY B 43 -10.63 11.20 -8.79
N SER B 44 -10.36 11.25 -7.50
CA SER B 44 -10.53 10.09 -6.62
C SER B 44 -11.99 9.74 -6.37
N ASN B 45 -12.27 8.44 -6.25
CA ASN B 45 -13.58 7.98 -5.78
C ASN B 45 -13.62 7.71 -4.27
N SER B 46 -12.60 8.21 -3.57
CA SER B 46 -12.47 8.07 -2.12
C SER B 46 -13.70 8.52 -1.36
N GLN B 47 -14.04 7.79 -0.30
CA GLN B 47 -15.13 8.13 0.60
C GLN B 47 -14.86 9.42 1.39
N ARG B 48 -13.59 9.80 1.50
CA ARG B 48 -13.17 11.01 2.21
C ARG B 48 -13.72 12.27 1.54
N LEU B 49 -13.88 12.20 0.23
CA LEU B 49 -14.34 13.34 -0.56
C LEU B 49 -15.84 13.24 -0.82
N ALA B 50 -16.57 14.29 -0.43
CA ALA B 50 -18.01 14.36 -0.63
C ALA B 50 -18.39 14.46 -2.11
N ASP B 51 -19.53 13.86 -2.45
CA ASP B 51 -20.01 13.81 -3.84
C ASP B 51 -20.26 15.15 -4.51
N GLN B 52 -20.74 16.13 -3.74
CA GLN B 52 -21.01 17.47 -4.26
C GLN B 52 -19.81 18.05 -5.01
N TYR B 53 -18.60 17.68 -4.58
CA TYR B 53 -17.36 18.21 -5.15
C TYR B 53 -16.99 17.58 -6.49
N ARG B 54 -17.49 16.37 -6.73
CA ARG B 54 -17.24 15.68 -8.00
C ARG B 54 -17.96 16.38 -9.16
N ARG B 55 -18.82 17.33 -8.82
CA ARG B 55 -19.55 18.13 -9.79
C ARG B 55 -18.72 19.31 -10.29
N HIS B 56 -17.72 19.72 -9.51
CA HIS B 56 -16.89 20.87 -9.86
C HIS B 56 -16.05 20.60 -11.10
N SER B 57 -15.90 21.62 -11.94
CA SER B 57 -15.19 21.48 -13.21
C SER B 57 -13.70 21.09 -13.04
N LEU B 58 -13.12 21.40 -11.89
CA LEU B 58 -11.71 21.10 -11.64
C LEU B 58 -11.45 19.67 -11.14
N PHE B 59 -12.53 18.97 -10.77
CA PHE B 59 -12.42 17.61 -10.25
C PHE B 59 -11.77 16.70 -11.28
N GLY B 60 -10.70 16.02 -10.88
CA GLY B 60 -10.01 15.10 -11.80
C GLY B 60 -9.13 15.76 -12.86
N THR B 61 -8.91 17.08 -12.76
CA THR B 61 -8.13 17.78 -13.78
C THR B 61 -6.62 17.77 -13.50
N GLY B 62 -6.24 17.12 -12.41
CA GLY B 62 -4.84 17.02 -12.01
C GLY B 62 -4.31 15.60 -12.07
N LYS B 63 -4.95 14.76 -12.88
CA LYS B 63 -4.55 13.36 -13.05
C LYS B 63 -3.18 13.18 -13.68
N ASP B 64 -2.72 14.18 -14.44
CA ASP B 64 -1.42 14.13 -15.12
C ASP B 64 -0.27 13.91 -14.15
N GLN B 65 -0.42 14.45 -12.94
CA GLN B 65 0.61 14.36 -11.92
C GLN B 65 0.22 13.38 -10.81
N THR B 66 1.21 12.70 -10.24
CA THR B 66 0.97 11.70 -9.21
C THR B 66 0.60 12.35 -7.88
N GLU B 67 0.01 11.57 -6.97
CA GLU B 67 -0.33 12.06 -5.64
C GLU B 67 0.94 12.53 -4.93
N SER B 68 2.02 11.79 -5.13
CA SER B 68 3.32 12.13 -4.56
C SER B 68 3.82 13.48 -5.07
N TRP B 69 3.67 13.73 -6.37
CA TRP B 69 4.06 14.99 -6.95
C TRP B 69 3.29 16.15 -6.32
N TRP B 70 1.96 16.01 -6.25
CA TRP B 70 1.12 17.05 -5.68
C TRP B 70 1.48 17.33 -4.22
N LYS B 71 1.85 16.30 -3.47
CA LYS B 71 2.31 16.48 -2.09
C LYS B 71 3.62 17.28 -2.04
N ALA B 72 4.60 16.89 -2.86
CA ALA B 72 5.89 17.60 -2.95
C ALA B 72 5.64 19.06 -3.32
N PHE B 73 4.74 19.26 -4.28
CA PHE B 73 4.37 20.60 -4.72
C PHE B 73 3.76 21.42 -3.59
N SER B 74 2.84 20.82 -2.83
CA SER B 74 2.22 21.51 -1.71
C SER B 74 3.25 21.94 -0.66
N ARG B 75 4.26 21.10 -0.42
CA ARG B 75 5.33 21.43 0.52
C ARG B 75 6.11 22.69 0.10
N GLN B 76 6.42 22.79 -1.19
CA GLN B 76 7.08 24.00 -1.72
C GLN B 76 6.19 25.24 -1.57
N LEU B 77 4.91 25.08 -1.86
CA LEU B 77 3.96 26.21 -1.75
C LEU B 77 3.81 26.69 -0.30
N ILE B 78 3.97 25.77 0.65
CA ILE B 78 4.01 26.14 2.08
C ILE B 78 5.30 26.92 2.37
N THR B 79 6.44 26.36 1.96
CA THR B 79 7.73 27.05 2.10
C THR B 79 7.67 28.47 1.54
N GLU B 80 7.10 28.62 0.34
CA GLU B 80 6.98 29.93 -0.33
C GLU B 80 5.88 30.84 0.24
N GLY B 81 5.11 30.34 1.20
CA GLY B 81 4.12 31.16 1.91
C GLY B 81 2.77 31.36 1.23
N PHE B 82 2.41 30.46 0.31
CA PHE B 82 1.09 30.48 -0.34
C PHE B 82 0.05 29.67 0.43
N LEU B 83 0.54 28.68 1.16
CA LEU B 83 -0.29 27.80 1.98
C LEU B 83 0.32 27.70 3.36
N VAL B 84 -0.50 27.34 4.36
CA VAL B 84 0.03 27.04 5.71
C VAL B 84 -0.78 25.89 6.27
N GLU B 85 -0.14 25.13 7.14
CA GLU B 85 -0.84 24.09 7.89
C GLU B 85 -1.04 24.57 9.30
N VAL B 86 -2.24 24.33 9.85
CA VAL B 86 -2.51 24.72 11.24
C VAL B 86 -3.38 23.72 11.99
N SER B 87 -3.10 23.57 13.28
CA SER B 87 -3.94 22.77 14.16
C SER B 87 -5.38 23.28 14.12
N ARG B 88 -6.32 22.35 14.12
CA ARG B 88 -7.74 22.68 14.17
C ARG B 88 -8.52 21.54 14.81
N TYR B 89 -9.67 21.87 15.38
CA TYR B 89 -10.66 20.94 15.94
C TYR B 89 -10.25 20.28 17.24
N ASN B 90 -9.16 19.52 17.19
CA ASN B 90 -8.77 18.74 18.36
C ASN B 90 -7.28 18.41 18.31
N LYS B 91 -6.82 17.65 19.29
CA LYS B 91 -5.39 17.37 19.43
C LYS B 91 -4.83 16.57 18.23
N PHE B 92 -5.71 15.93 17.45
CA PHE B 92 -5.23 15.12 16.31
C PHE B 92 -5.09 15.88 15.00
N MET B 93 -5.95 16.85 14.74
CA MET B 93 -6.18 17.33 13.39
C MET B 93 -5.40 18.55 12.99
N LYS B 94 -5.10 18.67 11.70
CA LYS B 94 -4.58 19.91 11.16
C LYS B 94 -5.26 20.13 9.81
N ILE B 95 -5.29 21.38 9.36
CA ILE B 95 -5.86 21.68 8.05
C ILE B 95 -4.80 22.41 7.24
N CYS B 96 -5.02 22.52 5.94
CA CYS B 96 -4.15 23.33 5.10
C CYS B 96 -5.02 24.46 4.54
N ALA B 97 -4.51 25.68 4.68
CA ALA B 97 -5.23 26.89 4.32
C ALA B 97 -4.42 27.80 3.39
N LEU B 98 -5.13 28.62 2.62
CA LEU B 98 -4.50 29.70 1.89
C LEU B 98 -4.03 30.75 2.88
N THR B 99 -2.82 31.27 2.69
CA THR B 99 -2.38 32.47 3.43
C THR B 99 -2.98 33.68 2.75
N LYS B 100 -2.81 34.87 3.32
CA LYS B 100 -3.23 36.08 2.61
C LYS B 100 -2.56 36.20 1.26
N LYS B 101 -1.26 35.88 1.21
CA LYS B 101 -0.53 35.86 -0.05
C LYS B 101 -1.17 34.91 -1.05
N GLY B 102 -1.55 33.71 -0.58
CA GLY B 102 -2.20 32.75 -1.47
C GLY B 102 -3.55 33.27 -1.97
N ARG B 103 -4.32 33.91 -1.09
CA ARG B 103 -5.63 34.47 -1.49
C ARG B 103 -5.48 35.59 -2.49
N ASN B 104 -4.44 36.41 -2.32
CA ASN B 104 -4.17 37.51 -3.27
C ASN B 104 -3.83 36.97 -4.65
N TRP B 105 -2.99 35.94 -4.68
CA TRP B 105 -2.57 35.33 -5.94
C TRP B 105 -3.78 34.73 -6.63
N LEU B 106 -4.56 33.95 -5.87
CA LEU B 106 -5.75 33.29 -6.41
C LEU B 106 -6.80 34.26 -6.93
N HIS B 107 -7.00 35.35 -6.19
CA HIS B 107 -7.94 36.38 -6.58
C HIS B 107 -7.59 36.92 -7.95
N LYS B 108 -6.29 37.14 -8.17
CA LYS B 108 -5.83 37.62 -9.46
C LYS B 108 -5.91 36.55 -10.52
N ALA B 109 -5.47 35.33 -10.16
CA ALA B 109 -5.51 34.19 -11.06
C ALA B 109 -6.91 33.87 -11.57
N ASN B 110 -7.92 34.19 -10.77
CA ASN B 110 -9.31 33.99 -11.17
C ASN B 110 -9.76 34.89 -12.33
N THR B 111 -8.97 35.93 -12.69
CA THR B 111 -9.32 36.76 -13.85
C THR B 111 -8.31 36.70 -15.00
N GLU B 112 -7.05 36.40 -14.69
CA GLU B 112 -6.05 36.15 -15.74
C GLU B 112 -4.90 35.34 -15.15
N SER B 113 -4.28 34.51 -16.00
CA SER B 113 -3.18 33.65 -15.61
C SER B 113 -2.08 34.39 -14.86
N GLN B 114 -1.59 33.76 -13.79
CA GLN B 114 -0.52 34.28 -12.99
C GLN B 114 0.64 33.31 -13.05
N SER B 115 1.85 33.84 -13.01
CA SER B 115 3.01 32.98 -12.84
C SER B 115 3.21 32.66 -11.36
N LEU B 116 3.83 31.51 -11.10
CA LEU B 116 4.33 31.19 -9.78
C LEU B 116 5.62 30.41 -9.98
N ILE B 117 6.74 31.13 -9.95
CA ILE B 117 8.04 30.57 -10.29
C ILE B 117 8.72 29.94 -9.07
N LEU B 118 9.26 28.73 -9.24
CA LEU B 118 9.90 28.00 -8.15
C LEU B 118 11.36 27.67 -8.45
N GLN B 119 12.19 27.72 -7.40
CA GLN B 119 13.67 27.61 -7.46
C GLN B 119 14.32 28.18 -8.72
#